data_5P9B
#
_entry.id   5P9B
#
_cell.length_a   49.940
_cell.length_b   53.644
_cell.length_c   80.503
_cell.angle_alpha   90.000
_cell.angle_beta   90.000
_cell.angle_gamma   90.000
#
_symmetry.space_group_name_H-M   'P 21 21 21'
#
loop_
_entity.id
_entity.type
_entity.pdbx_description
1 polymer 'Catechol O-methyltransferase'
2 non-polymer 'MAGNESIUM ION'
3 non-polymer 'CHLORIDE ION'
4 non-polymer N-[2-[[5-(4-fluorophenyl)-2,3-dihydroxybenzoyl]amino]ethyl]-6-hydroxypyrimidine-4-carboxamide
5 non-polymer 'PHOSPHATE ION'
6 non-polymer '2-[N-CYCLOHEXYLAMINO]ETHANE SULFONIC ACID'
7 water water
#
_entity_poly.entity_id   1
_entity_poly.type   'polypeptide(L)'
_entity_poly.pdbx_seq_one_letter_code
;MGDTKEQRILRYVQQNAKPGDPQSVLEAIDTYCTQKEWAMNVGDAKGQIMDAVIREYSPSLVLELGAYCGYSAVRMARLL
QPGARLLTMEMNPDYAAITQQMLNFAGLQDKVTILNGASQDLIPQLKKKYDVDTLDMVFLDHWKDRYLPDTLLLEKCGLL
RKGTVLLADNVIVPGTPDFLAYVRGSSSFECTHYSSYLEYMKVVDGLEKAIYQGPSSPDKS
;
_entity_poly.pdbx_strand_id   A
#
loop_
_chem_comp.id
_chem_comp.type
_chem_comp.name
_chem_comp.formula
77P non-polymer N-[2-[[5-(4-fluorophenyl)-2,3-dihydroxybenzoyl]amino]ethyl]-6-hydroxypyrimidine-4-carboxamide 'C20 H17 F N4 O5'
CL non-polymer 'CHLORIDE ION' 'Cl -1'
MG non-polymer 'MAGNESIUM ION' 'Mg 2'
NHE non-polymer '2-[N-CYCLOHEXYLAMINO]ETHANE SULFONIC ACID' 'C8 H17 N O3 S'
PO4 non-polymer 'PHOSPHATE ION' 'O4 P -3'
#
# COMPACT_ATOMS: atom_id res chain seq x y z
N GLY A 2 -10.05 6.43 26.15
CA GLY A 2 -10.57 7.43 25.10
C GLY A 2 -10.26 7.00 23.64
N ASP A 3 -10.37 7.96 22.71
CA ASP A 3 -10.18 7.65 21.31
C ASP A 3 -8.72 7.30 20.98
N THR A 4 -8.56 6.57 19.89
CA THR A 4 -7.22 6.23 19.40
C THR A 4 -6.73 7.31 18.43
N LYS A 5 -5.45 7.23 18.13
CA LYS A 5 -4.85 8.09 17.11
CA LYS A 5 -4.85 8.09 17.10
C LYS A 5 -5.57 7.96 15.77
N GLU A 6 -5.90 6.71 15.40
CA GLU A 6 -6.53 6.45 14.11
C GLU A 6 -7.95 7.00 14.05
N GLN A 7 -8.66 6.91 15.19
CA GLN A 7 -9.97 7.61 15.25
C GLN A 7 -9.81 9.12 15.14
N ARG A 8 -8.75 9.70 15.73
CA ARG A 8 -8.51 11.12 15.67
C ARG A 8 -8.22 11.54 14.25
N ILE A 9 -7.43 10.71 13.51
CA ILE A 9 -7.09 11.04 12.11
C ILE A 9 -8.39 11.05 11.25
N LEU A 10 -9.19 9.98 11.41
CA LEU A 10 -10.45 9.89 10.63
C LEU A 10 -11.35 11.08 10.87
N ARG A 11 -11.54 11.38 12.14
CA ARG A 11 -12.36 12.54 12.53
C ARG A 11 -11.81 13.84 11.91
N TYR A 12 -10.50 14.02 11.96
CA TYR A 12 -9.90 15.23 11.42
C TYR A 12 -10.20 15.26 9.94
N VAL A 13 -9.99 14.16 9.21
CA VAL A 13 -10.36 14.12 7.81
C VAL A 13 -11.84 14.49 7.57
N GLN A 14 -12.73 13.88 8.35
CA GLN A 14 -14.15 14.14 8.14
C GLN A 14 -14.52 15.61 8.36
N GLN A 15 -13.71 16.30 9.14
CA GLN A 15 -13.99 17.70 9.54
C GLN A 15 -13.14 18.72 8.80
N ASN A 16 -12.17 18.26 7.97
CA ASN A 16 -11.24 19.18 7.32
C ASN A 16 -10.93 18.86 5.82
N ALA A 17 -11.66 17.91 5.30
CA ALA A 17 -11.57 17.52 3.90
C ALA A 17 -12.95 17.63 3.29
N LYS A 18 -13.02 17.53 1.97
CA LYS A 18 -14.30 17.56 1.28
C LYS A 18 -14.74 16.15 0.90
N PRO A 19 -15.95 15.73 1.28
CA PRO A 19 -16.39 14.40 0.93
C PRO A 19 -16.31 14.21 -0.57
N GLY A 20 -15.83 13.04 -0.98
CA GLY A 20 -15.66 12.69 -2.36
C GLY A 20 -14.49 13.28 -3.05
N ASP A 21 -13.56 13.88 -2.29
CA ASP A 21 -12.38 14.56 -2.86
C ASP A 21 -11.11 13.93 -2.27
N PRO A 22 -10.61 12.91 -2.95
CA PRO A 22 -9.44 12.17 -2.41
C PRO A 22 -8.20 13.03 -2.18
N GLN A 23 -7.92 13.98 -3.03
CA GLN A 23 -6.75 14.87 -2.80
C GLN A 23 -6.91 15.60 -1.47
N SER A 24 -8.10 16.12 -1.16
CA SER A 24 -8.32 16.85 0.09
C SER A 24 -8.14 15.94 1.31
N VAL A 25 -8.54 14.68 1.15
CA VAL A 25 -8.34 13.70 2.21
C VAL A 25 -6.85 13.47 2.49
N LEU A 26 -6.08 13.30 1.42
CA LEU A 26 -4.61 13.13 1.60
C LEU A 26 -3.98 14.34 2.25
N GLU A 27 -4.39 15.52 1.84
CA GLU A 27 -3.86 16.77 2.40
C GLU A 27 -4.20 16.88 3.85
N ALA A 28 -5.43 16.52 4.21
CA ALA A 28 -5.89 16.61 5.62
C ALA A 28 -5.05 15.69 6.49
N ILE A 29 -4.84 14.46 6.01
CA ILE A 29 -4.03 13.52 6.77
C ILE A 29 -2.60 14.02 6.93
N ASP A 30 -1.99 14.48 5.84
CA ASP A 30 -0.63 14.97 5.96
CA ASP A 30 -0.64 15.06 5.88
C ASP A 30 -0.50 16.20 6.88
N THR A 31 -1.47 17.07 6.86
CA THR A 31 -1.47 18.20 7.81
C THR A 31 -1.56 17.69 9.22
N TYR A 32 -2.49 16.81 9.48
CA TYR A 32 -2.68 16.28 10.81
C TYR A 32 -1.37 15.67 11.31
N CYS A 33 -0.73 14.89 10.48
CA CYS A 33 0.43 14.15 10.92
C CYS A 33 1.69 14.94 10.97
N THR A 34 1.67 16.12 10.42
CA THR A 34 2.79 17.04 10.44
CA THR A 34 2.81 17.00 10.48
C THR A 34 2.65 17.97 11.62
N GLN A 35 1.42 18.34 11.96
CA GLN A 35 1.19 19.34 12.96
C GLN A 35 0.74 18.76 14.31
N LYS A 36 -0.02 17.67 14.33
CA LYS A 36 -0.65 17.18 15.55
C LYS A 36 0.05 15.95 16.10
N GLU A 37 0.02 14.84 15.33
CA GLU A 37 0.66 13.62 15.75
C GLU A 37 1.17 12.83 14.54
N TRP A 38 2.38 12.33 14.64
CA TRP A 38 2.89 11.40 13.63
C TRP A 38 2.04 10.21 13.48
N ALA A 39 1.95 9.67 12.27
CA ALA A 39 1.36 8.33 12.10
C ALA A 39 2.01 7.63 10.91
N MET A 40 1.94 6.31 10.88
CA MET A 40 2.69 5.49 9.91
C MET A 40 1.96 5.39 8.53
N ASN A 41 1.41 6.48 8.06
CA ASN A 41 0.90 6.57 6.66
C ASN A 41 2.12 6.69 5.75
N VAL A 42 2.01 6.28 4.51
CA VAL A 42 3.14 6.34 3.59
CA VAL A 42 3.19 6.31 3.62
C VAL A 42 3.71 7.74 3.47
N GLY A 43 2.85 8.74 3.59
CA GLY A 43 3.21 10.15 3.58
C GLY A 43 3.36 10.71 2.18
N ASP A 44 3.57 12.01 2.16
CA ASP A 44 3.66 12.73 0.89
C ASP A 44 4.93 12.49 0.13
N ALA A 45 6.08 12.34 0.80
CA ALA A 45 7.38 12.22 0.09
C ALA A 45 7.39 10.91 -0.65
N LYS A 46 7.14 9.82 0.07
CA LYS A 46 7.08 8.55 -0.60
C LYS A 46 5.83 8.42 -1.49
N GLY A 47 4.73 9.06 -1.05
CA GLY A 47 3.49 9.08 -1.80
C GLY A 47 3.65 9.60 -3.20
N GLN A 48 4.44 10.68 -3.35
CA GLN A 48 4.70 11.19 -4.69
C GLN A 48 5.37 10.16 -5.60
N ILE A 49 6.30 9.36 -5.05
CA ILE A 49 6.92 8.27 -5.82
C ILE A 49 5.94 7.19 -6.17
N MET A 50 5.08 6.81 -5.22
CA MET A 50 3.97 5.89 -5.48
CA MET A 50 4.01 5.88 -5.47
C MET A 50 3.09 6.36 -6.60
N ASP A 51 2.72 7.62 -6.55
CA ASP A 51 1.90 8.19 -7.62
C ASP A 51 2.56 7.99 -9.01
N ALA A 52 3.82 8.31 -9.08
CA ALA A 52 4.58 8.24 -10.34
C ALA A 52 4.57 6.80 -10.82
N VAL A 53 4.71 5.83 -9.92
CA VAL A 53 4.69 4.43 -10.31
C VAL A 53 3.33 4.02 -10.81
N ILE A 54 2.29 4.35 -10.06
CA ILE A 54 0.94 4.06 -10.45
C ILE A 54 0.61 4.63 -11.83
N ARG A 55 1.00 5.86 -12.08
CA ARG A 55 0.71 6.45 -13.38
C ARG A 55 1.50 5.75 -14.47
N GLU A 56 2.71 5.30 -14.21
CA GLU A 56 3.46 4.60 -15.25
C GLU A 56 2.78 3.33 -15.67
N TYR A 57 2.36 2.47 -14.72
CA TYR A 57 1.88 1.17 -15.03
C TYR A 57 0.37 1.07 -15.19
N SER A 58 -0.39 2.06 -14.72
CA SER A 58 -1.85 2.04 -14.81
CA SER A 58 -1.83 2.07 -14.83
C SER A 58 -2.42 0.69 -14.52
N PRO A 59 -2.13 0.14 -13.34
CA PRO A 59 -2.52 -1.28 -13.06
C PRO A 59 -4.05 -1.42 -13.01
N SER A 60 -4.56 -2.54 -13.54
CA SER A 60 -5.98 -2.85 -13.47
C SER A 60 -6.39 -3.49 -12.18
N LEU A 61 -5.47 -4.21 -11.53
CA LEU A 61 -5.74 -4.89 -10.27
C LEU A 61 -4.48 -4.80 -9.38
N VAL A 62 -4.66 -4.14 -8.23
CA VAL A 62 -3.63 -3.91 -7.26
C VAL A 62 -4.00 -4.63 -5.99
N LEU A 63 -3.04 -5.31 -5.37
CA LEU A 63 -3.15 -5.82 -4.03
C LEU A 63 -2.27 -4.99 -3.13
N GLU A 64 -2.85 -4.56 -2.01
CA GLU A 64 -2.12 -3.91 -0.94
C GLU A 64 -2.11 -4.79 0.30
N LEU A 65 -0.93 -5.00 0.87
CA LEU A 65 -0.78 -5.67 2.18
C LEU A 65 -0.52 -4.64 3.23
N GLY A 66 -1.50 -4.44 4.12
CA GLY A 66 -1.44 -3.43 5.16
C GLY A 66 -2.05 -2.16 4.71
N ALA A 67 -3.19 -1.85 5.29
CA ALA A 67 -3.92 -0.61 4.95
C ALA A 67 -3.70 0.53 5.93
N TYR A 68 -3.64 0.21 7.21
CA TYR A 68 -3.58 1.16 8.26
C TYR A 68 -4.81 2.03 8.39
N CYS A 69 -4.76 3.30 7.97
CA CYS A 69 -5.95 4.17 7.97
C CYS A 69 -6.47 4.38 6.56
N GLY A 70 -5.87 3.79 5.52
CA GLY A 70 -6.34 3.89 4.17
C GLY A 70 -5.68 5.00 3.36
N TYR A 71 -4.62 5.62 3.90
CA TYR A 71 -3.87 6.67 3.11
C TYR A 71 -3.35 6.18 1.81
N SER A 72 -2.54 5.11 1.81
CA SER A 72 -2.03 4.57 0.55
CA SER A 72 -2.05 4.59 0.54
C SER A 72 -3.14 4.06 -0.37
N ALA A 73 -4.17 3.46 0.22
CA ALA A 73 -5.31 3.04 -0.60
C ALA A 73 -6.01 4.22 -1.30
N VAL A 74 -6.17 5.35 -0.60
CA VAL A 74 -6.66 6.57 -1.23
C VAL A 74 -5.73 7.03 -2.29
N ARG A 75 -4.47 7.06 -1.99
CA ARG A 75 -3.50 7.52 -2.92
CA ARG A 75 -3.45 7.52 -2.96
C ARG A 75 -3.51 6.73 -4.24
N MET A 76 -3.51 5.42 -4.15
CA MET A 76 -3.50 4.59 -5.36
C MET A 76 -4.85 4.60 -6.07
N ALA A 77 -5.92 4.41 -5.31
CA ALA A 77 -7.23 4.30 -5.93
C ALA A 77 -7.64 5.55 -6.66
N ARG A 78 -7.19 6.70 -6.19
CA ARG A 78 -7.63 7.97 -6.85
C ARG A 78 -7.01 8.09 -8.24
N LEU A 79 -5.94 7.35 -8.53
CA LEU A 79 -5.23 7.40 -9.81
C LEU A 79 -5.54 6.19 -10.71
N LEU A 80 -6.31 5.26 -10.24
CA LEU A 80 -6.68 4.07 -11.06
C LEU A 80 -7.60 4.51 -12.18
N GLN A 81 -7.50 3.79 -13.29
CA GLN A 81 -8.46 4.05 -14.38
C GLN A 81 -9.85 3.55 -14.08
N PRO A 82 -10.86 4.10 -14.78
CA PRO A 82 -12.16 3.57 -14.51
C PRO A 82 -12.25 2.04 -14.66
N GLY A 83 -12.88 1.40 -13.70
CA GLY A 83 -13.01 -0.03 -13.68
C GLY A 83 -11.88 -0.82 -12.98
N ALA A 84 -10.74 -0.17 -12.84
CA ALA A 84 -9.58 -0.78 -12.16
C ALA A 84 -9.93 -0.84 -10.68
N ARG A 85 -9.29 -1.80 -10.00
CA ARG A 85 -9.65 -2.13 -8.66
C ARG A 85 -8.42 -2.36 -7.77
N LEU A 86 -8.65 -2.06 -6.48
CA LEU A 86 -7.66 -2.36 -5.43
C LEU A 86 -8.25 -3.25 -4.39
N LEU A 87 -7.53 -4.31 -3.99
CA LEU A 87 -7.84 -5.13 -2.84
C LEU A 87 -6.77 -4.84 -1.78
N THR A 88 -7.21 -4.54 -0.59
CA THR A 88 -6.26 -4.29 0.51
C THR A 88 -6.56 -5.20 1.68
N MET A 89 -5.54 -5.84 2.23
CA MET A 89 -5.60 -6.83 3.28
C MET A 89 -5.10 -6.18 4.56
N GLU A 90 -5.98 -6.05 5.55
CA GLU A 90 -5.68 -5.40 6.84
C GLU A 90 -6.10 -6.35 7.97
N MET A 91 -5.15 -6.95 8.65
CA MET A 91 -5.53 -7.88 9.68
C MET A 91 -5.99 -7.26 10.99
N ASN A 92 -5.65 -5.98 11.25
CA ASN A 92 -6.10 -5.32 12.43
C ASN A 92 -7.52 -4.82 12.23
N PRO A 93 -8.48 -5.30 13.01
CA PRO A 93 -9.86 -4.96 12.71
C PRO A 93 -10.19 -3.49 12.89
N ASP A 94 -9.60 -2.90 13.90
CA ASP A 94 -9.82 -1.48 14.13
C ASP A 94 -9.24 -0.67 12.96
N TYR A 95 -8.05 -1.01 12.50
CA TYR A 95 -7.51 -0.35 11.29
C TYR A 95 -8.42 -0.61 10.08
N ALA A 96 -8.94 -1.84 9.94
CA ALA A 96 -9.78 -2.14 8.80
C ALA A 96 -10.99 -1.25 8.81
N ALA A 97 -11.59 -1.05 10.00
CA ALA A 97 -12.76 -0.21 10.08
C ALA A 97 -12.45 1.26 9.75
N ILE A 98 -11.34 1.79 10.21
CA ILE A 98 -10.95 3.13 9.87
C ILE A 98 -10.71 3.30 8.39
N THR A 99 -10.04 2.30 7.80
CA THR A 99 -9.72 2.32 6.36
C THR A 99 -11.04 2.40 5.58
N GLN A 100 -11.99 1.54 5.93
CA GLN A 100 -13.28 1.53 5.18
C GLN A 100 -13.96 2.90 5.25
N GLN A 101 -14.03 3.47 6.46
CA GLN A 101 -14.61 4.79 6.67
C GLN A 101 -13.86 5.88 5.90
N MET A 102 -12.52 5.75 5.81
CA MET A 102 -11.76 6.71 5.10
C MET A 102 -12.05 6.63 3.60
N LEU A 103 -12.10 5.42 3.05
CA LEU A 103 -12.40 5.26 1.63
C LEU A 103 -13.84 5.73 1.35
N ASN A 104 -14.80 5.46 2.23
CA ASN A 104 -16.18 5.93 2.04
C ASN A 104 -16.18 7.43 1.98
N PHE A 105 -15.46 8.09 2.90
CA PHE A 105 -15.44 9.55 2.94
C PHE A 105 -14.84 10.10 1.61
N ALA A 106 -13.77 9.48 1.14
CA ALA A 106 -13.14 9.83 -0.12
C ALA A 106 -13.89 9.55 -1.36
N GLY A 107 -14.95 8.76 -1.24
CA GLY A 107 -15.82 8.40 -2.40
C GLY A 107 -15.21 7.35 -3.27
N LEU A 108 -14.22 6.59 -2.72
CA LEU A 108 -13.52 5.58 -3.47
C LEU A 108 -13.94 4.15 -3.12
N GLN A 109 -15.04 3.98 -2.39
CA GLN A 109 -15.47 2.67 -1.94
C GLN A 109 -15.79 1.69 -3.04
N ASP A 110 -16.19 2.19 -4.21
CA ASP A 110 -16.51 1.24 -5.29
C ASP A 110 -15.27 0.70 -5.99
N LYS A 111 -14.12 1.33 -5.76
CA LYS A 111 -12.84 0.90 -6.37
C LYS A 111 -12.03 -0.01 -5.46
N VAL A 112 -12.32 -0.05 -4.16
CA VAL A 112 -11.45 -0.73 -3.22
C VAL A 112 -12.20 -1.70 -2.38
N THR A 113 -11.63 -2.87 -2.15
CA THR A 113 -12.20 -3.90 -1.27
C THR A 113 -11.24 -4.10 -0.12
N ILE A 114 -11.71 -3.82 1.10
CA ILE A 114 -10.85 -3.91 2.29
C ILE A 114 -11.20 -5.19 2.94
N LEU A 115 -10.26 -6.16 2.92
CA LEU A 115 -10.46 -7.45 3.52
C LEU A 115 -9.83 -7.49 4.90
N ASN A 116 -10.60 -7.78 5.94
CA ASN A 116 -10.03 -7.89 7.27
C ASN A 116 -9.62 -9.31 7.59
N GLY A 117 -8.33 -9.62 7.41
CA GLY A 117 -7.78 -10.94 7.65
C GLY A 117 -6.25 -10.86 7.43
N ALA A 118 -5.57 -11.91 7.88
CA ALA A 118 -4.11 -12.07 7.71
C ALA A 118 -3.83 -12.36 6.25
N SER A 119 -2.83 -11.71 5.71
CA SER A 119 -2.46 -11.88 4.31
CA SER A 119 -2.46 -11.88 4.30
C SER A 119 -2.17 -13.33 3.95
N GLN A 120 -1.49 -14.04 4.84
CA GLN A 120 -1.14 -15.45 4.60
C GLN A 120 -2.35 -16.39 4.50
N ASP A 121 -3.46 -15.98 5.09
CA ASP A 121 -4.71 -16.68 5.06
C ASP A 121 -5.53 -16.28 3.86
N LEU A 122 -5.48 -15.01 3.49
CA LEU A 122 -6.28 -14.51 2.44
C LEU A 122 -5.67 -14.72 1.04
N ILE A 123 -4.35 -14.60 0.93
CA ILE A 123 -3.69 -14.78 -0.38
C ILE A 123 -4.07 -16.09 -1.08
N PRO A 124 -4.14 -17.21 -0.34
CA PRO A 124 -4.48 -18.45 -1.00
C PRO A 124 -5.91 -18.56 -1.43
N GLN A 125 -6.76 -17.64 -1.03
CA GLN A 125 -8.18 -17.59 -1.44
C GLN A 125 -8.43 -16.68 -2.63
N LEU A 126 -7.43 -15.92 -3.07
CA LEU A 126 -7.72 -14.89 -4.08
C LEU A 126 -8.23 -15.42 -5.36
N LYS A 127 -7.63 -16.53 -5.85
CA LYS A 127 -8.09 -17.06 -7.12
C LYS A 127 -9.52 -17.61 -7.07
N LYS A 128 -9.77 -18.47 -6.12
CA LYS A 128 -11.05 -19.17 -6.12
C LYS A 128 -12.15 -18.31 -5.52
N LYS A 129 -11.91 -17.62 -4.40
CA LYS A 129 -12.94 -16.82 -3.71
C LYS A 129 -13.16 -15.46 -4.37
N TYR A 130 -12.08 -14.78 -4.75
CA TYR A 130 -12.12 -13.39 -5.22
C TYR A 130 -11.97 -13.28 -6.74
N ASP A 131 -11.93 -14.42 -7.46
CA ASP A 131 -11.86 -14.49 -8.93
C ASP A 131 -10.65 -13.70 -9.50
N VAL A 132 -9.56 -13.70 -8.78
CA VAL A 132 -8.34 -13.11 -9.31
C VAL A 132 -7.63 -14.12 -10.22
N ASP A 133 -7.07 -13.63 -11.32
CA ASP A 133 -6.15 -14.44 -12.17
C ASP A 133 -4.72 -14.12 -11.71
N THR A 134 -4.21 -13.01 -12.14
CA THR A 134 -2.90 -12.53 -11.69
C THR A 134 -3.01 -11.07 -11.26
N LEU A 135 -2.02 -10.62 -10.48
CA LEU A 135 -1.99 -9.25 -9.98
C LEU A 135 -1.13 -8.41 -10.90
N ASP A 136 -1.50 -7.15 -11.12
CA ASP A 136 -0.71 -6.21 -11.88
C ASP A 136 0.35 -5.49 -11.01
N MET A 137 0.01 -5.26 -9.75
CA MET A 137 0.87 -4.55 -8.79
CA MET A 137 0.85 -4.56 -8.80
C MET A 137 0.49 -4.99 -7.39
N VAL A 138 1.52 -5.02 -6.55
CA VAL A 138 1.37 -5.30 -5.15
C VAL A 138 2.13 -4.24 -4.39
N PHE A 139 1.45 -3.62 -3.41
CA PHE A 139 2.09 -2.64 -2.48
C PHE A 139 2.22 -3.37 -1.12
N LEU A 140 3.45 -3.44 -0.65
CA LEU A 140 3.76 -4.07 0.61
CA LEU A 140 3.75 -4.08 0.62
C LEU A 140 3.98 -3.03 1.68
N ASP A 141 3.20 -3.09 2.76
CA ASP A 141 3.25 -2.06 3.79
C ASP A 141 2.76 -2.62 5.13
N HIS A 142 2.85 -3.93 5.33
CA HIS A 142 2.37 -4.59 6.53
C HIS A 142 3.58 -4.82 7.43
N TRP A 143 3.55 -5.82 8.31
CA TRP A 143 4.64 -6.13 9.13
C TRP A 143 5.85 -6.45 8.30
N LYS A 144 6.99 -5.83 8.65
CA LYS A 144 8.16 -5.87 7.79
C LYS A 144 8.75 -7.25 7.62
N ASP A 145 8.57 -8.10 8.65
CA ASP A 145 9.00 -9.49 8.53
C ASP A 145 8.08 -10.35 7.74
N ARG A 146 7.00 -9.80 7.20
CA ARG A 146 6.06 -10.53 6.38
C ARG A 146 6.26 -10.29 4.88
N TYR A 147 7.07 -9.30 4.49
CA TYR A 147 7.20 -9.00 3.07
C TYR A 147 7.76 -10.21 2.28
N LEU A 148 8.83 -10.83 2.80
CA LEU A 148 9.38 -11.95 2.10
C LEU A 148 8.49 -13.16 2.09
N PRO A 149 8.05 -13.66 3.24
CA PRO A 149 7.16 -14.86 3.18
C PRO A 149 5.94 -14.65 2.30
N ASP A 150 5.30 -13.49 2.40
CA ASP A 150 4.12 -13.26 1.57
C ASP A 150 4.46 -13.10 0.08
N THR A 151 5.60 -12.57 -0.30
CA THR A 151 6.04 -12.55 -1.68
C THR A 151 6.18 -13.97 -2.23
N LEU A 152 6.79 -14.84 -1.44
CA LEU A 152 7.01 -16.22 -1.87
C LEU A 152 5.68 -16.94 -1.97
N LEU A 153 4.73 -16.61 -1.05
CA LEU A 153 3.36 -17.15 -1.12
C LEU A 153 2.61 -16.70 -2.36
N LEU A 154 2.75 -15.41 -2.70
CA LEU A 154 2.14 -14.92 -3.93
C LEU A 154 2.61 -15.74 -5.14
N GLU A 155 3.91 -15.97 -5.25
CA GLU A 155 4.38 -16.74 -6.37
C GLU A 155 3.88 -18.19 -6.35
N LYS A 156 3.92 -18.80 -5.15
CA LYS A 156 3.40 -20.18 -5.01
C LYS A 156 1.98 -20.33 -5.46
N CYS A 157 1.16 -19.33 -5.17
CA CYS A 157 -0.24 -19.36 -5.51
C CYS A 157 -0.51 -18.97 -6.93
N GLY A 158 0.49 -18.66 -7.74
CA GLY A 158 0.30 -18.35 -9.15
C GLY A 158 -0.27 -16.96 -9.42
N LEU A 159 -0.09 -16.04 -8.48
CA LEU A 159 -0.66 -14.69 -8.60
C LEU A 159 0.22 -13.70 -9.26
N LEU A 160 1.50 -14.03 -9.47
CA LEU A 160 2.37 -13.09 -10.14
C LEU A 160 2.48 -13.48 -11.60
N ARG A 161 2.60 -12.49 -12.46
CA ARG A 161 2.84 -12.68 -13.89
C ARG A 161 4.09 -11.91 -14.31
N LYS A 162 4.62 -12.17 -15.53
CA LYS A 162 5.69 -11.37 -16.02
C LYS A 162 5.24 -9.94 -16.04
N GLY A 163 6.02 -9.08 -15.42
CA GLY A 163 5.67 -7.71 -15.31
C GLY A 163 4.96 -7.26 -14.05
N THR A 164 4.49 -8.17 -13.20
CA THR A 164 3.82 -7.76 -11.93
C THR A 164 4.83 -6.88 -11.14
N VAL A 165 4.37 -5.71 -10.77
CA VAL A 165 5.18 -4.73 -10.02
C VAL A 165 4.97 -4.89 -8.52
N LEU A 166 6.04 -5.22 -7.80
CA LEU A 166 6.00 -5.13 -6.34
C LEU A 166 6.57 -3.79 -5.97
N LEU A 167 5.90 -3.08 -5.10
CA LEU A 167 6.42 -1.81 -4.55
C LEU A 167 6.33 -1.90 -3.02
N ALA A 168 7.49 -1.80 -2.37
CA ALA A 168 7.66 -2.08 -0.96
C ALA A 168 8.03 -0.82 -0.21
N ASP A 169 7.20 -0.52 0.81
CA ASP A 169 7.46 0.65 1.72
C ASP A 169 8.47 0.23 2.74
N ASN A 170 9.19 1.22 3.28
CA ASN A 170 9.97 1.02 4.50
C ASN A 170 11.14 0.10 4.37
N VAL A 171 11.81 0.09 3.21
CA VAL A 171 12.89 -0.87 3.00
C VAL A 171 14.16 -0.39 3.69
N ILE A 172 14.16 0.85 4.17
CA ILE A 172 15.28 1.37 5.02
C ILE A 172 14.84 1.45 6.50
N VAL A 173 13.68 2.03 6.78
CA VAL A 173 13.21 2.17 8.15
CA VAL A 173 13.20 2.13 8.14
C VAL A 173 11.71 1.87 8.19
N PRO A 174 11.28 0.88 9.01
CA PRO A 174 12.08 0.03 9.90
C PRO A 174 13.04 -0.89 9.16
N GLY A 175 12.89 -1.08 7.86
CA GLY A 175 13.73 -1.96 7.09
C GLY A 175 13.13 -3.31 6.87
N THR A 176 13.51 -3.92 5.76
CA THR A 176 13.01 -5.24 5.40
CA THR A 176 13.00 -5.28 5.47
C THR A 176 14.18 -6.05 4.85
N PRO A 177 15.22 -6.33 5.67
CA PRO A 177 16.48 -6.82 5.12
C PRO A 177 16.44 -8.13 4.33
N ASP A 178 15.64 -9.07 4.79
CA ASP A 178 15.55 -10.36 4.08
C ASP A 178 14.86 -10.17 2.71
N PHE A 179 13.72 -9.46 2.70
CA PHE A 179 13.02 -9.18 1.46
C PHE A 179 13.98 -8.47 0.51
N LEU A 180 14.65 -7.41 0.94
CA LEU A 180 15.47 -6.62 0.07
C LEU A 180 16.63 -7.38 -0.52
N ALA A 181 17.32 -8.17 0.31
CA ALA A 181 18.38 -9.01 -0.18
C ALA A 181 17.88 -10.06 -1.16
N TYR A 182 16.74 -10.63 -0.87
CA TYR A 182 16.15 -11.62 -1.70
C TYR A 182 15.81 -11.09 -3.11
N VAL A 183 15.03 -10.03 -3.20
CA VAL A 183 14.66 -9.54 -4.55
C VAL A 183 15.85 -9.05 -5.34
N ARG A 184 16.78 -8.42 -4.67
CA ARG A 184 17.97 -7.86 -5.35
C ARG A 184 18.87 -8.96 -5.79
N GLY A 185 18.81 -10.10 -5.15
CA GLY A 185 19.62 -11.24 -5.56
C GLY A 185 19.01 -12.17 -6.52
N SER A 186 17.74 -12.00 -6.85
CA SER A 186 16.96 -12.96 -7.65
C SER A 186 16.90 -12.56 -9.09
N SER A 187 17.26 -13.53 -9.96
CA SER A 187 17.11 -13.30 -11.38
C SER A 187 15.65 -13.19 -11.81
N SER A 188 14.70 -13.47 -10.89
CA SER A 188 13.25 -13.39 -11.18
C SER A 188 12.70 -11.98 -10.85
N PHE A 189 13.55 -11.05 -10.39
CA PHE A 189 13.13 -9.70 -10.16
C PHE A 189 14.07 -8.71 -10.78
N GLU A 190 13.52 -7.64 -11.32
CA GLU A 190 14.32 -6.50 -11.73
CA GLU A 190 14.30 -6.48 -11.73
C GLU A 190 13.97 -5.36 -10.74
N CYS A 191 14.96 -4.91 -10.00
CA CYS A 191 14.72 -4.03 -8.86
C CYS A 191 15.25 -2.63 -9.11
N THR A 192 14.50 -1.67 -8.55
CA THR A 192 14.88 -0.23 -8.54
C THR A 192 14.65 0.31 -7.14
N HIS A 193 15.61 1.03 -6.59
CA HIS A 193 15.47 1.66 -5.30
C HIS A 193 15.17 3.12 -5.49
N TYR A 194 14.15 3.62 -4.80
CA TYR A 194 13.75 5.01 -4.82
C TYR A 194 13.98 5.61 -3.44
N SER A 195 15.07 6.32 -3.29
CA SER A 195 15.43 6.91 -2.00
C SER A 195 14.48 8.02 -1.67
N SER A 196 14.04 8.13 -0.40
CA SER A 196 13.08 9.11 0.01
C SER A 196 13.25 9.38 1.51
N TYR A 197 12.14 9.66 2.18
CA TYR A 197 12.13 10.04 3.58
C TYR A 197 11.01 9.34 4.27
N LEU A 198 11.26 8.93 5.50
CA LEU A 198 10.24 8.38 6.35
C LEU A 198 9.10 9.44 6.43
N GLU A 199 7.85 8.98 6.41
CA GLU A 199 6.69 9.86 6.49
C GLU A 199 6.86 10.86 7.65
N TYR A 200 6.67 12.13 7.28
CA TYR A 200 6.57 13.23 8.21
C TYR A 200 7.83 13.43 9.05
N MET A 201 8.98 12.94 8.59
CA MET A 201 10.23 12.98 9.36
C MET A 201 11.40 13.26 8.50
N LYS A 202 12.43 13.90 9.11
CA LYS A 202 13.70 14.13 8.45
C LYS A 202 14.60 12.95 8.71
N VAL A 203 14.23 11.82 8.14
CA VAL A 203 14.87 10.53 8.32
C VAL A 203 14.82 9.86 6.94
N VAL A 204 15.93 9.30 6.45
CA VAL A 204 15.90 8.70 5.13
C VAL A 204 15.13 7.38 5.23
N ASP A 205 14.33 7.15 4.17
CA ASP A 205 13.71 5.85 3.98
C ASP A 205 13.72 5.61 2.50
N GLY A 206 13.02 4.59 2.04
CA GLY A 206 12.96 4.33 0.58
C GLY A 206 11.91 3.33 0.21
N LEU A 207 11.55 3.34 -1.06
CA LEU A 207 10.69 2.32 -1.65
C LEU A 207 11.55 1.45 -2.54
N GLU A 208 11.28 0.16 -2.58
CA GLU A 208 11.86 -0.71 -3.60
C GLU A 208 10.80 -1.16 -4.54
N LYS A 209 11.07 -1.04 -5.84
CA LYS A 209 10.24 -1.63 -6.88
C LYS A 209 10.95 -2.87 -7.34
N ALA A 210 10.20 -3.98 -7.39
CA ALA A 210 10.75 -5.24 -7.86
C ALA A 210 9.79 -5.77 -8.84
N ILE A 211 10.19 -5.83 -10.13
CA ILE A 211 9.29 -6.31 -11.20
CA ILE A 211 9.31 -6.31 -11.23
C ILE A 211 9.54 -7.79 -11.43
N TYR A 212 8.49 -8.59 -11.26
CA TYR A 212 8.64 -10.02 -11.43
C TYR A 212 8.88 -10.37 -12.88
N GLN A 213 9.80 -11.28 -13.13
CA GLN A 213 10.17 -11.69 -14.49
C GLN A 213 9.77 -13.11 -14.83
N GLY A 214 9.04 -13.81 -13.99
CA GLY A 214 8.69 -15.23 -14.31
C GLY A 214 9.70 -16.10 -13.66
N PRO A 215 9.52 -17.41 -13.80
CA PRO A 215 10.44 -18.38 -13.19
C PRO A 215 11.85 -18.39 -13.75
N SER A 216 12.81 -18.91 -12.98
CA SER A 216 14.23 -18.87 -13.44
C SER A 216 15.21 -19.45 -12.40
MG MG B . 4.88 2.02 5.73
CL CL C . -0.60 4.29 4.39
CL CL D . 6.01 13.18 4.20
C4 77P E . 8.82 3.75 11.22
C5 77P E . 7.72 3.05 11.63
C6 77P E . 7.41 2.83 12.97
C7 77P E . 6.79 2.51 10.57
C8 77P E . 6.67 3.19 9.33
C10 77P E . 5.20 1.37 8.57
C20 77P E . -0.79 -4.52 12.63
C21 77P E . 0.53 -3.88 10.60
C26 77P E . -0.80 -7.07 11.74
C1 77P E . 8.25 3.37 13.92
C2 77P E . 9.34 4.09 13.51
C3 77P E . 9.65 4.29 12.18
C9 77P E . 5.82 2.62 8.37
C11 77P E . 5.31 0.71 9.81
C12 77P E . 6.16 1.29 10.77
F13 77P E . 10.21 4.61 14.44
C14 77P E . 4.60 -0.53 10.06
N15 77P E . 3.69 -1.01 9.22
O16 77P E . 4.84 -1.06 11.16
O17 77P E . 4.45 0.93 7.55
O18 77P E . 5.66 3.31 7.19
C19 77P E . -0.13 -4.91 11.46
N22 77P E . -0.18 -6.16 10.99
C23 77P E . -1.46 -5.55 13.35
N24 77P E . 1.20 -2.88 11.24
O25 77P E . 0.40 -4.01 9.36
N27 77P E . -1.43 -6.79 12.89
O28 77P E . -2.06 -5.25 14.51
C29 77P E . 1.79 -1.80 10.48
C30 77P E . 2.94 -2.27 9.56
P PO4 F . -15.45 2.72 -11.48
O1 PO4 F . -15.49 3.38 -12.85
O2 PO4 F . -16.27 1.47 -11.50
O3 PO4 F . -14.00 2.38 -11.26
O4 PO4 F . -15.80 3.67 -10.34
C3' NHE G . 7.87 7.67 14.90
C2' NHE G . 7.03 8.16 15.88
C1' NHE G . 7.68 9.12 16.86
C6' NHE G . 8.85 9.93 16.30
N NHE G . 6.74 9.82 17.70
C1 NHE G . 5.31 9.83 17.60
C2 NHE G . 4.61 10.63 18.68
S NHE G . 3.28 11.60 18.10
O1 NHE G . 3.91 12.74 17.30
O2 NHE G . 2.30 10.59 17.44
O3 NHE G . 2.54 12.24 19.31
C5' NHE G . 9.82 9.12 15.53
C4' NHE G . 9.11 8.39 14.40
C3' NHE H . 10.93 -15.41 -7.27
C2' NHE H . 11.47 -16.50 -7.87
C1' NHE H . 11.26 -17.86 -7.28
C6' NHE H . 9.84 -18.04 -6.80
N NHE H . 11.62 -18.93 -8.20
C1 NHE H . 11.95 -20.23 -7.56
C2 NHE H . 12.63 -21.15 -8.56
S NHE H . 11.72 -21.51 -10.02
O1 NHE H . 12.50 -22.50 -10.84
O2 NHE H . 11.47 -20.29 -10.83
O3 NHE H . 10.39 -22.15 -9.70
C5' NHE H . 9.49 -16.91 -5.85
C4' NHE H . 9.70 -15.50 -6.36
#